data_4OQ2
#
_entry.id   4OQ2
#
_cell.length_a   61.990
_cell.length_b   61.990
_cell.length_c   210.990
_cell.angle_alpha   90.00
_cell.angle_beta   90.00
_cell.angle_gamma   90.00
#
_symmetry.space_group_name_H-M   'P 41 21 2'
#
loop_
_entity.id
_entity.type
_entity.pdbx_description
1 polymer 'Restriction endonuclease PvuRts1 I'
2 non-polymer '4-(2-HYDROXYETHYL)-1-PIPERAZINE ETHANESULFONIC ACID'
3 water water
#
_entity_poly.entity_id   1
_entity_poly.type   'polypeptide(L)'
_entity_poly.pdbx_seq_one_letter_code
;(MSE)GHHHHHHEF(MSE)SKTDYILRALSKISHKRWEHYIINRVVHTLDDPDIEFVCQQCIRKEGHLGKIYLADLLFPQ
LNLYLEIDEAHHDSNDARKADAVRRLDIVEATGFQEERIPASNITLSEVNKLVDEFVRLVKDKKEELENQGLFFRWDYDE
RYSAKKHINTGY(MSE)AVGPNSVFRYHRDALQCFGYRREGHHQSGGWALPAEVAQSIGLTGRV(MSE)VWFPRLYEAGE
WKNALSADGNKITEQSLNATRNYQETWDYRIV(MSE)AHSRDELNRTLYRFLGVFAIDVDKSSDEVKVFSRVYSRVNVYR
SQN
;
_entity_poly.pdbx_strand_id   A
#
loop_
_chem_comp.id
_chem_comp.type
_chem_comp.name
_chem_comp.formula
EPE non-polymer '4-(2-HYDROXYETHYL)-1-PIPERAZINE ETHANESULFONIC ACID' 'C8 H18 N2 O4 S'
#
# COMPACT_ATOMS: atom_id res chain seq x y z
N HIS A 4 -14.01 -11.41 23.27
CA HIS A 4 -13.89 -11.65 21.81
C HIS A 4 -13.47 -10.38 21.06
N HIS A 5 -12.68 -9.52 21.72
CA HIS A 5 -12.13 -8.32 21.05
C HIS A 5 -10.99 -8.71 20.11
N HIS A 6 -10.52 -7.77 19.31
CA HIS A 6 -9.31 -7.98 18.53
C HIS A 6 -8.14 -7.39 19.32
N HIS A 7 -7.24 -8.25 19.79
CA HIS A 7 -6.19 -7.85 20.70
C HIS A 7 -5.18 -6.92 20.07
N HIS A 8 -5.18 -6.79 18.75
CA HIS A 8 -4.14 -6.02 18.08
C HIS A 8 -4.66 -4.80 17.29
N GLU A 9 -5.94 -4.53 17.44
CA GLU A 9 -6.64 -3.49 16.69
C GLU A 9 -6.66 -2.17 17.50
N PHE A 10 -6.44 -1.03 16.85
CA PHE A 10 -6.59 0.29 17.51
C PHE A 10 -7.93 0.90 17.21
N MSE A 11 -8.52 0.50 16.09
CA MSE A 11 -9.72 1.16 15.61
C MSE A 11 -10.80 0.22 15.06
O MSE A 11 -10.58 -0.50 14.07
CB MSE A 11 -9.32 2.19 14.53
CG MSE A 11 -10.28 3.35 14.45
SE MSE A 11 -9.89 4.50 12.91
CE MSE A 11 -9.22 3.16 11.65
N SER A 12 -11.99 0.29 15.65
CA SER A 12 -13.17 -0.42 15.14
C SER A 12 -13.61 0.09 13.77
N LYS A 13 -14.26 -0.78 13.02
CA LYS A 13 -14.71 -0.46 11.67
C LYS A 13 -15.63 0.75 11.68
N THR A 14 -16.50 0.79 12.67
CA THR A 14 -17.37 1.94 12.80
C THR A 14 -16.60 3.21 13.08
N ASP A 15 -15.58 3.16 13.93
CA ASP A 15 -14.83 4.37 14.18
C ASP A 15 -14.14 4.80 12.89
N TYR A 16 -13.71 3.82 12.10
CA TYR A 16 -13.01 4.14 10.86
C TYR A 16 -13.94 4.94 9.94
N ILE A 17 -15.16 4.45 9.81
CA ILE A 17 -16.14 5.07 8.91
C ILE A 17 -16.48 6.49 9.37
N LEU A 18 -16.65 6.68 10.66
CA LEU A 18 -17.02 7.98 11.23
C LEU A 18 -15.92 9.02 11.06
N ARG A 19 -14.68 8.63 11.35
CA ARG A 19 -13.56 9.56 11.20
C ARG A 19 -13.27 9.82 9.72
N ALA A 20 -13.46 8.82 8.88
CA ALA A 20 -13.10 8.98 7.48
C ALA A 20 -13.99 10.01 6.81
N LEU A 21 -15.27 10.02 7.20
CA LEU A 21 -16.24 10.92 6.60
C LEU A 21 -16.22 12.32 7.19
N SER A 22 -15.72 12.46 8.42
CA SER A 22 -15.76 13.74 9.12
C SER A 22 -14.41 14.41 9.12
N LYS A 23 -13.53 13.95 8.26
CA LYS A 23 -12.19 14.49 8.17
C LYS A 23 -12.20 15.93 7.66
N ILE A 24 -11.23 16.69 8.12
CA ILE A 24 -11.08 18.09 7.74
C ILE A 24 -10.49 18.18 6.34
N SER A 25 -10.91 19.19 5.59
CA SER A 25 -10.39 19.40 4.27
C SER A 25 -10.32 20.86 3.91
N HIS A 26 -9.51 21.16 2.91
CA HIS A 26 -9.27 22.52 2.50
C HIS A 26 -9.83 22.70 1.10
N LYS A 27 -10.09 21.60 0.41
CA LYS A 27 -10.77 21.69 -0.87
C LYS A 27 -12.21 22.12 -0.64
N ARG A 28 -12.69 23.02 -1.46
CA ARG A 28 -14.03 23.49 -1.30
C ARG A 28 -15.11 22.38 -1.38
N TRP A 29 -14.98 21.49 -2.35
CA TRP A 29 -16.02 20.47 -2.59
C TRP A 29 -15.78 19.08 -1.99
N GLU A 30 -14.64 18.87 -1.36
CA GLU A 30 -14.24 17.52 -1.01
C GLU A 30 -15.11 16.81 0.03
N HIS A 31 -15.23 17.40 1.20
CA HIS A 31 -16.03 16.81 2.24
C HIS A 31 -17.43 16.47 1.71
N TYR A 32 -17.98 17.39 0.91
CA TYR A 32 -19.33 17.25 0.42
C TYR A 32 -19.46 16.07 -0.54
N ILE A 33 -18.58 16.04 -1.53
CA ILE A 33 -18.57 14.94 -2.48
C ILE A 33 -18.34 13.60 -1.78
N ILE A 34 -17.38 13.54 -0.88
CA ILE A 34 -17.10 12.27 -0.24
C ILE A 34 -18.32 11.78 0.54
N ASN A 35 -18.94 12.64 1.31
CA ASN A 35 -20.11 12.23 2.05
C ASN A 35 -21.28 11.87 1.15
N ARG A 36 -21.52 12.68 0.12
CA ARG A 36 -22.57 12.35 -0.82
C ARG A 36 -22.39 10.98 -1.43
N VAL A 37 -21.16 10.69 -1.90
CA VAL A 37 -20.88 9.40 -2.49
C VAL A 37 -21.17 8.27 -1.52
N VAL A 38 -20.56 8.34 -0.35
CA VAL A 38 -20.60 7.21 0.55
C VAL A 38 -21.99 7.00 1.14
N HIS A 39 -22.67 8.08 1.48
CA HIS A 39 -24.00 7.98 2.05
C HIS A 39 -25.02 7.53 1.04
N THR A 40 -24.93 8.02 -0.18
CA THR A 40 -25.91 7.61 -1.20
C THR A 40 -25.53 6.27 -1.79
N LEU A 41 -24.26 5.88 -1.72
CA LEU A 41 -23.88 4.55 -2.15
C LEU A 41 -24.52 3.55 -1.19
N ASP A 42 -24.35 3.76 0.11
CA ASP A 42 -25.09 2.99 1.09
C ASP A 42 -24.83 1.51 0.94
N ASP A 43 -23.57 1.12 0.85
CA ASP A 43 -23.24 -0.29 0.69
C ASP A 43 -22.06 -0.61 1.61
N PRO A 44 -22.37 -1.19 2.76
CA PRO A 44 -21.42 -1.37 3.84
C PRO A 44 -20.42 -2.50 3.56
N ASP A 45 -20.60 -3.17 2.41
CA ASP A 45 -19.67 -4.19 1.95
C ASP A 45 -18.59 -3.63 1.06
N ILE A 46 -18.72 -2.36 0.68
CA ILE A 46 -17.73 -1.71 -0.17
C ILE A 46 -16.71 -0.97 0.67
N GLU A 47 -15.45 -1.35 0.54
CA GLU A 47 -14.35 -0.70 1.21
C GLU A 47 -13.98 0.65 0.55
N PHE A 48 -13.77 1.68 1.34
CA PHE A 48 -13.31 2.94 0.76
C PHE A 48 -12.18 3.51 1.59
N VAL A 49 -11.31 4.26 0.93
CA VAL A 49 -10.18 4.90 1.57
C VAL A 49 -10.19 6.35 1.11
N CYS A 50 -9.98 7.27 2.05
CA CYS A 50 -10.00 8.69 1.73
C CYS A 50 -8.62 9.29 1.69
N GLN A 51 -8.43 10.21 0.76
CA GLN A 51 -7.22 10.99 0.70
C GLN A 51 -5.98 10.11 0.67
N GLN A 52 -5.95 9.07 -0.16
CA GLN A 52 -4.75 8.27 -0.27
C GLN A 52 -3.81 8.80 -1.33
N CYS A 53 -2.55 9.03 -0.98
CA CYS A 53 -1.55 9.29 -2.00
C CYS A 53 -1.26 8.01 -2.77
N ILE A 54 -1.12 8.18 -4.09
CA ILE A 54 -0.86 7.07 -4.98
C ILE A 54 0.20 7.40 -6.02
N ARG A 55 0.81 6.34 -6.56
CA ARG A 55 1.64 6.42 -7.77
C ARG A 55 0.81 5.90 -8.92
N LYS A 56 1.00 6.45 -10.11
CA LYS A 56 0.29 5.98 -11.30
C LYS A 56 1.32 5.32 -12.20
N GLU A 57 0.98 4.19 -12.80
CA GLU A 57 1.92 3.48 -13.67
C GLU A 57 2.43 4.40 -14.81
N GLY A 58 3.75 4.47 -14.96
CA GLY A 58 4.38 5.26 -16.04
C GLY A 58 4.57 6.76 -15.76
N HIS A 59 3.98 7.27 -14.69
CA HIS A 59 4.25 8.63 -14.23
C HIS A 59 5.33 8.57 -13.16
N LEU A 60 6.57 8.38 -13.58
CA LEU A 60 7.65 8.06 -12.68
C LEU A 60 7.98 9.17 -11.70
N GLY A 61 8.16 8.78 -10.44
CA GLY A 61 8.46 9.73 -9.38
C GLY A 61 7.37 10.77 -9.16
N LYS A 62 6.17 10.55 -9.71
CA LYS A 62 5.06 11.47 -9.50
C LYS A 62 4.05 10.91 -8.52
N ILE A 63 3.55 11.77 -7.65
CA ILE A 63 2.63 11.39 -6.60
C ILE A 63 1.34 12.18 -6.67
N TYR A 64 0.23 11.48 -6.79
CA TYR A 64 -1.05 12.14 -6.84
C TYR A 64 -1.81 11.81 -5.59
N LEU A 65 -3.03 12.30 -5.52
CA LEU A 65 -3.84 12.19 -4.35
C LEU A 65 -5.19 11.67 -4.80
N ALA A 66 -5.58 10.49 -4.37
CA ALA A 66 -6.90 10.00 -4.68
C ALA A 66 -7.78 10.35 -3.51
N ASP A 67 -8.80 11.17 -3.77
CA ASP A 67 -9.68 11.63 -2.70
C ASP A 67 -10.55 10.47 -2.24
N LEU A 68 -10.92 9.59 -3.16
CA LEU A 68 -11.59 8.36 -2.77
C LEU A 68 -10.99 7.21 -3.53
N LEU A 69 -10.70 6.11 -2.82
CA LEU A 69 -10.15 4.94 -3.50
C LEU A 69 -10.86 3.68 -3.07
N PHE A 70 -11.15 2.82 -4.04
CA PHE A 70 -11.91 1.61 -3.82
C PHE A 70 -11.06 0.37 -4.14
N PRO A 71 -10.39 -0.15 -3.11
CA PRO A 71 -9.50 -1.32 -3.21
C PRO A 71 -10.10 -2.53 -3.91
N GLN A 72 -11.38 -2.82 -3.71
CA GLN A 72 -11.94 -4.03 -4.33
C GLN A 72 -12.20 -3.79 -5.81
N LEU A 73 -12.50 -2.56 -6.21
CA LEU A 73 -12.97 -2.32 -7.58
C LEU A 73 -11.93 -1.75 -8.53
N ASN A 74 -10.68 -1.62 -8.09
CA ASN A 74 -9.65 -1.06 -8.94
C ASN A 74 -10.01 0.31 -9.51
N LEU A 75 -10.44 1.17 -8.60
CA LEU A 75 -11.05 2.42 -8.96
C LEU A 75 -10.73 3.48 -7.91
N TYR A 76 -10.39 4.68 -8.37
CA TYR A 76 -10.30 5.86 -7.52
C TYR A 76 -10.92 7.11 -8.14
N LEU A 77 -11.26 8.05 -7.26
CA LEU A 77 -11.81 9.34 -7.64
C LEU A 77 -10.86 10.48 -7.31
N GLU A 78 -10.65 11.33 -8.31
CA GLU A 78 -9.89 12.55 -8.11
C GLU A 78 -10.82 13.75 -8.24
N ILE A 79 -10.93 14.49 -7.14
CA ILE A 79 -11.62 15.76 -7.15
C ILE A 79 -10.58 16.81 -7.58
N ASP A 80 -10.70 17.27 -8.82
CA ASP A 80 -9.62 18.05 -9.40
C ASP A 80 -9.65 19.55 -9.07
N GLU A 81 -8.70 19.95 -8.22
CA GLU A 81 -8.50 21.35 -7.79
C GLU A 81 -7.43 21.98 -8.70
N ALA A 82 -7.76 23.10 -9.34
CA ALA A 82 -6.78 23.74 -10.21
C ALA A 82 -5.40 23.79 -9.52
N HIS A 83 -5.39 23.90 -8.19
CA HIS A 83 -4.13 24.17 -7.49
C HIS A 83 -3.55 22.99 -6.77
N HIS A 84 -2.51 22.41 -7.37
CA HIS A 84 -1.89 21.20 -6.84
C HIS A 84 -0.77 21.47 -5.84
N ASP A 85 -0.19 22.68 -5.87
CA ASP A 85 0.92 23.08 -4.98
C ASP A 85 0.57 23.01 -3.50
N SER A 86 -0.65 23.41 -3.16
CA SER A 86 -1.13 23.42 -1.78
C SER A 86 -1.27 22.00 -1.17
N ASN A 87 -1.61 21.02 -2.00
CA ASN A 87 -1.77 19.63 -1.52
C ASN A 87 -0.40 19.02 -1.18
N ASP A 88 0.65 19.69 -1.64
CA ASP A 88 2.04 19.24 -1.49
C ASP A 88 2.53 19.05 -0.06
N ALA A 89 1.80 19.60 0.91
CA ALA A 89 2.15 19.43 2.32
C ALA A 89 1.81 18.00 2.73
N ARG A 90 0.54 17.67 2.57
CA ARG A 90 0.02 16.33 2.72
C ARG A 90 0.88 15.32 1.96
N LYS A 91 1.02 15.51 0.66
CA LYS A 91 1.84 14.63 -0.16
C LYS A 91 3.21 14.40 0.49
N ALA A 92 3.88 15.48 0.89
CA ALA A 92 5.24 15.39 1.46
C ALA A 92 5.24 14.57 2.75
N ASP A 93 4.20 14.78 3.55
CA ASP A 93 3.99 14.02 4.76
C ASP A 93 3.86 12.52 4.42
N ALA A 94 2.90 12.21 3.57
CA ALA A 94 2.65 10.84 3.13
C ALA A 94 3.92 10.18 2.61
N VAL A 95 4.74 10.92 1.88
CA VAL A 95 5.98 10.36 1.35
C VAL A 95 6.91 9.97 2.48
N ARG A 96 6.98 10.80 3.51
CA ARG A 96 7.88 10.52 4.63
C ARG A 96 7.36 9.34 5.45
N ARG A 97 6.04 9.15 5.48
CA ARG A 97 5.45 8.03 6.19
C ARG A 97 5.33 6.81 5.29
N LEU A 98 5.67 6.99 4.02
CA LEU A 98 5.55 5.93 3.04
C LEU A 98 4.11 5.46 2.97
N ASP A 99 3.21 6.40 3.15
CA ASP A 99 1.79 6.15 2.94
C ASP A 99 1.44 6.35 1.45
N ILE A 100 2.04 5.52 0.59
CA ILE A 100 1.83 5.57 -0.85
C ILE A 100 1.30 4.26 -1.37
N VAL A 101 0.21 4.32 -2.12
CA VAL A 101 -0.32 3.15 -2.77
C VAL A 101 -0.02 3.19 -4.28
N GLU A 102 0.68 2.16 -4.76
CA GLU A 102 0.90 2.01 -6.19
C GLU A 102 -0.40 1.56 -6.82
N ALA A 103 -1.08 2.48 -7.51
CA ALA A 103 -2.39 2.22 -8.06
C ALA A 103 -2.28 1.65 -9.46
N THR A 104 -1.36 0.70 -9.63
CA THR A 104 -1.23 0.00 -10.90
C THR A 104 -2.55 -0.73 -11.14
N GLY A 105 -3.14 -0.54 -12.31
CA GLY A 105 -4.34 -1.27 -12.68
C GLY A 105 -5.65 -0.58 -12.37
N PHE A 106 -5.58 0.60 -11.74
CA PHE A 106 -6.79 1.29 -11.30
C PHE A 106 -7.39 2.21 -12.35
N GLN A 107 -8.69 2.15 -12.48
CA GLN A 107 -9.40 3.09 -13.32
C GLN A 107 -9.52 4.42 -12.56
N GLU A 108 -9.13 5.50 -13.20
CA GLU A 108 -9.21 6.84 -12.62
C GLU A 108 -10.43 7.60 -13.08
N GLU A 109 -11.19 8.15 -12.15
CA GLU A 109 -12.29 9.06 -12.47
C GLU A 109 -11.97 10.44 -11.93
N ARG A 110 -12.57 11.45 -12.56
CA ARG A 110 -12.35 12.82 -12.15
C ARG A 110 -13.65 13.55 -11.98
N ILE A 111 -13.60 14.51 -11.07
CA ILE A 111 -14.67 15.48 -10.90
C ILE A 111 -13.99 16.83 -10.72
N PRO A 112 -14.17 17.73 -11.70
CA PRO A 112 -13.66 19.10 -11.56
C PRO A 112 -14.16 19.78 -10.30
N ALA A 113 -13.26 20.31 -9.49
CA ALA A 113 -13.64 20.97 -8.23
C ALA A 113 -14.06 22.40 -8.46
N SER A 114 -13.83 22.92 -9.66
CA SER A 114 -13.90 24.35 -9.92
C SER A 114 -14.98 24.72 -10.91
N ASN A 115 -15.55 25.91 -10.72
CA ASN A 115 -16.55 26.46 -11.64
C ASN A 115 -17.79 25.59 -11.82
N ILE A 116 -18.28 25.03 -10.71
CA ILE A 116 -19.41 24.11 -10.80
C ILE A 116 -20.51 24.42 -9.76
N THR A 117 -21.76 24.33 -10.18
CA THR A 117 -22.88 24.48 -9.27
C THR A 117 -23.13 23.22 -8.41
N LEU A 118 -23.76 23.42 -7.26
CA LEU A 118 -24.16 22.36 -6.34
C LEU A 118 -24.87 21.25 -7.13
N SER A 119 -25.73 21.71 -8.02
CA SER A 119 -26.56 20.86 -8.84
C SER A 119 -25.75 19.98 -9.81
N GLU A 120 -24.68 20.55 -10.35
CA GLU A 120 -23.83 19.84 -11.27
C GLU A 120 -23.02 18.82 -10.48
N VAL A 121 -22.48 19.23 -9.33
CA VAL A 121 -21.74 18.33 -8.49
C VAL A 121 -22.60 17.15 -8.14
N ASN A 122 -23.84 17.40 -7.73
CA ASN A 122 -24.74 16.33 -7.39
C ASN A 122 -24.89 15.34 -8.54
N LYS A 123 -25.02 15.89 -9.75
CA LYS A 123 -25.10 15.08 -10.94
C LYS A 123 -23.88 14.19 -11.13
N LEU A 124 -22.70 14.80 -11.17
CA LEU A 124 -21.47 14.04 -11.44
C LEU A 124 -21.25 12.96 -10.39
N VAL A 125 -21.70 13.23 -9.18
CA VAL A 125 -21.52 12.27 -8.10
C VAL A 125 -22.48 11.10 -8.22
N ASP A 126 -23.71 11.36 -8.68
CA ASP A 126 -24.68 10.30 -8.87
C ASP A 126 -24.21 9.33 -9.95
N GLU A 127 -23.52 9.86 -10.95
CA GLU A 127 -22.95 9.07 -12.02
C GLU A 127 -21.81 8.23 -11.47
N PHE A 128 -20.92 8.87 -10.71
CA PHE A 128 -19.81 8.14 -10.12
C PHE A 128 -20.32 6.98 -9.28
N VAL A 129 -21.33 7.24 -8.47
CA VAL A 129 -21.93 6.21 -7.63
C VAL A 129 -22.47 5.04 -8.46
N ARG A 130 -23.17 5.31 -9.56
CA ARG A 130 -23.71 4.19 -10.36
C ARG A 130 -22.58 3.40 -11.00
N LEU A 131 -21.52 4.09 -11.35
CA LEU A 131 -20.31 3.49 -11.89
C LEU A 131 -19.68 2.57 -10.85
N VAL A 132 -19.75 2.96 -9.59
CA VAL A 132 -19.24 2.15 -8.50
C VAL A 132 -20.08 0.92 -8.31
N LYS A 133 -21.40 1.10 -8.30
CA LYS A 133 -22.29 -0.02 -8.10
C LYS A 133 -22.14 -1.01 -9.25
N ASP A 134 -21.84 -0.48 -10.43
CA ASP A 134 -21.71 -1.28 -11.65
C ASP A 134 -20.48 -2.16 -11.58
N LYS A 135 -19.37 -1.55 -11.20
CA LYS A 135 -18.11 -2.25 -11.05
C LYS A 135 -18.30 -3.36 -10.05
N LYS A 136 -19.11 -3.13 -9.02
CA LYS A 136 -19.30 -4.15 -8.00
C LYS A 136 -19.97 -5.37 -8.60
N GLU A 137 -20.96 -5.11 -9.44
CA GLU A 137 -21.80 -6.16 -9.98
C GLU A 137 -21.14 -6.87 -11.17
N GLU A 138 -20.39 -6.12 -11.99
CA GLU A 138 -19.54 -6.75 -13.02
C GLU A 138 -18.71 -7.82 -12.35
N LEU A 139 -18.43 -7.65 -11.06
CA LEU A 139 -17.52 -8.56 -10.35
C LEU A 139 -18.23 -9.58 -9.48
N GLU A 140 -19.37 -9.19 -8.89
CA GLU A 140 -20.20 -10.18 -8.23
C GLU A 140 -20.67 -11.16 -9.30
N ASN A 141 -20.76 -10.66 -10.51
CA ASN A 141 -21.29 -11.41 -11.63
C ASN A 141 -20.31 -12.49 -12.08
N GLN A 142 -19.02 -12.14 -12.02
CA GLN A 142 -17.94 -13.07 -12.35
C GLN A 142 -17.44 -13.78 -11.10
N GLY A 143 -18.16 -13.66 -9.99
CA GLY A 143 -17.78 -14.35 -8.77
C GLY A 143 -16.49 -13.84 -8.14
N LEU A 144 -16.08 -12.64 -8.53
CA LEU A 144 -14.80 -12.09 -8.10
C LEU A 144 -14.89 -11.06 -6.97
N PHE A 145 -16.07 -10.86 -6.40
CA PHE A 145 -16.22 -9.81 -5.39
C PHE A 145 -16.27 -10.34 -3.96
N PHE A 146 -15.36 -9.86 -3.12
CA PHE A 146 -15.32 -10.25 -1.72
C PHE A 146 -15.63 -9.06 -0.83
N ARG A 147 -16.57 -9.25 0.09
CA ARG A 147 -17.05 -8.15 0.87
C ARG A 147 -16.04 -7.69 1.90
N TRP A 148 -15.95 -6.38 2.05
CA TRP A 148 -15.05 -5.75 2.99
C TRP A 148 -14.85 -6.60 4.24
N ASP A 149 -13.60 -6.95 4.54
CA ASP A 149 -13.32 -7.75 5.73
C ASP A 149 -12.34 -7.01 6.64
N TYR A 150 -12.91 -6.07 7.38
CA TYR A 150 -12.15 -5.04 8.07
C TYR A 150 -11.26 -5.65 9.14
N ASP A 151 -11.79 -6.59 9.90
CA ASP A 151 -10.97 -7.29 10.90
C ASP A 151 -9.71 -7.89 10.32
N GLU A 152 -9.73 -8.28 9.05
CA GLU A 152 -8.59 -8.99 8.46
C GLU A 152 -7.78 -8.12 7.56
N ARG A 153 -7.96 -6.80 7.64
CA ARG A 153 -7.31 -5.92 6.65
C ARG A 153 -5.78 -5.95 6.65
N TYR A 154 -5.13 -6.18 7.78
CA TYR A 154 -3.67 -6.19 7.78
C TYR A 154 -3.04 -7.59 7.98
N SER A 155 -3.81 -8.64 7.74
CA SER A 155 -3.34 -10.00 7.97
C SER A 155 -3.06 -10.76 6.67
N ALA A 156 -2.53 -11.97 6.80
CA ALA A 156 -2.15 -12.80 5.65
C ALA A 156 -3.33 -13.38 4.87
N LYS A 157 -4.49 -13.45 5.52
CA LYS A 157 -5.63 -14.23 5.04
C LYS A 157 -6.04 -14.03 3.58
N LYS A 158 -6.20 -12.80 3.11
CA LYS A 158 -6.65 -12.62 1.75
C LYS A 158 -5.55 -13.03 0.76
N HIS A 159 -4.30 -12.92 1.19
CA HIS A 159 -3.20 -13.20 0.29
C HIS A 159 -3.06 -14.70 0.12
N ILE A 160 -3.15 -15.42 1.24
CA ILE A 160 -3.16 -16.86 1.21
C ILE A 160 -4.32 -17.38 0.36
N ASN A 161 -5.49 -16.76 0.50
CA ASN A 161 -6.64 -17.19 -0.31
C ASN A 161 -6.47 -16.91 -1.80
N THR A 162 -5.81 -15.80 -2.15
CA THR A 162 -5.58 -15.44 -3.54
C THR A 162 -4.44 -16.24 -4.17
N GLY A 163 -3.40 -16.54 -3.41
CA GLY A 163 -2.32 -17.38 -3.92
C GLY A 163 -1.09 -16.57 -4.30
N TYR A 164 -1.24 -15.26 -4.35
CA TYR A 164 -0.14 -14.38 -4.71
C TYR A 164 -0.48 -13.01 -4.15
N MSE A 165 0.43 -12.06 -4.32
CA MSE A 165 0.25 -10.73 -3.80
C MSE A 165 0.92 -9.71 -4.74
O MSE A 165 1.86 -10.03 -5.45
CB MSE A 165 0.84 -10.71 -2.38
CG MSE A 165 1.80 -9.62 -2.09
SE MSE A 165 2.88 -9.86 -0.45
CE MSE A 165 2.03 -11.47 0.31
N ALA A 166 0.41 -8.50 -4.78
CA ALA A 166 0.98 -7.44 -5.67
C ALA A 166 0.99 -6.10 -4.96
N VAL A 167 1.90 -5.23 -5.34
CA VAL A 167 1.88 -3.89 -4.82
C VAL A 167 0.53 -3.27 -5.15
N GLY A 168 -0.03 -2.57 -4.18
CA GLY A 168 -1.40 -2.13 -4.27
C GLY A 168 -1.90 -1.86 -2.87
N PRO A 169 -3.17 -1.48 -2.78
CA PRO A 169 -3.70 -1.05 -1.50
C PRO A 169 -3.71 -2.14 -0.45
N ASN A 170 -3.86 -3.40 -0.88
CA ASN A 170 -4.14 -4.51 0.04
C ASN A 170 -2.93 -5.25 0.57
N SER A 171 -1.77 -5.11 -0.05
CA SER A 171 -0.61 -5.92 0.36
C SER A 171 0.19 -5.14 1.43
N VAL A 172 -0.46 -4.93 2.56
CA VAL A 172 0.11 -4.21 3.69
C VAL A 172 -0.15 -5.04 4.94
N PHE A 173 0.78 -4.99 5.89
CA PHE A 173 0.76 -5.95 7.01
C PHE A 173 1.00 -5.25 8.37
N ARG A 174 0.30 -5.70 9.39
CA ARG A 174 0.46 -5.09 10.72
C ARG A 174 1.82 -5.44 11.34
N TYR A 175 2.10 -6.73 11.42
CA TYR A 175 3.34 -7.21 12.00
C TYR A 175 4.17 -8.01 11.01
N HIS A 176 5.47 -8.12 11.27
CA HIS A 176 6.33 -9.00 10.50
C HIS A 176 5.66 -10.36 10.32
N ARG A 177 5.14 -10.90 11.40
CA ARG A 177 4.63 -12.25 11.32
C ARG A 177 3.48 -12.36 10.36
N ASP A 178 2.64 -11.34 10.26
CA ASP A 178 1.58 -11.33 9.23
C ASP A 178 2.16 -11.52 7.83
N ALA A 179 3.24 -10.81 7.55
CA ALA A 179 3.85 -10.88 6.24
C ALA A 179 4.48 -12.25 6.05
N LEU A 180 5.14 -12.74 7.10
CA LEU A 180 5.91 -13.97 7.03
C LEU A 180 5.01 -15.19 6.91
N GLN A 181 3.80 -15.09 7.43
CA GLN A 181 2.86 -16.19 7.28
C GLN A 181 2.49 -16.42 5.82
N CYS A 182 2.82 -15.48 4.94
CA CYS A 182 2.57 -15.68 3.51
C CYS A 182 3.66 -16.55 2.88
N PHE A 183 4.71 -16.82 3.65
CA PHE A 183 5.88 -17.45 3.12
C PHE A 183 6.37 -18.58 4.01
N GLY A 184 5.42 -19.31 4.58
CA GLY A 184 5.71 -20.52 5.32
C GLY A 184 6.05 -20.37 6.79
N TYR A 185 6.14 -19.15 7.30
CA TYR A 185 6.38 -18.96 8.73
C TYR A 185 5.26 -19.64 9.50
N ARG A 186 5.60 -20.56 10.39
CA ARG A 186 4.57 -21.30 11.11
C ARG A 186 4.62 -21.06 12.62
N ARG A 187 5.64 -20.34 13.09
CA ARG A 187 5.76 -20.02 14.51
C ARG A 187 4.51 -19.32 15.07
N GLU A 188 4.26 -19.55 16.35
CA GLU A 188 3.26 -18.80 17.09
C GLU A 188 3.80 -17.41 17.35
N GLY A 189 5.09 -17.31 17.63
CA GLY A 189 5.68 -16.07 18.11
C GLY A 189 5.79 -14.94 17.10
N HIS A 190 6.25 -13.80 17.58
CA HIS A 190 6.48 -12.68 16.73
C HIS A 190 7.91 -12.68 16.26
N HIS A 191 8.12 -11.95 15.17
CA HIS A 191 9.42 -11.77 14.61
C HIS A 191 9.69 -10.28 14.66
N GLN A 192 10.88 -9.89 15.09
CA GLN A 192 11.17 -8.47 15.25
C GLN A 192 12.40 -8.02 14.53
N SER A 193 13.20 -8.95 14.00
CA SER A 193 14.46 -8.56 13.38
C SER A 193 14.18 -8.02 11.98
N GLY A 194 15.24 -7.65 11.27
CA GLY A 194 15.10 -6.95 10.00
C GLY A 194 14.92 -7.86 8.79
N GLY A 195 15.25 -9.13 8.95
CA GLY A 195 15.24 -10.08 7.86
C GLY A 195 14.73 -11.44 8.31
N TRP A 196 14.24 -12.24 7.36
CA TRP A 196 13.82 -13.60 7.61
C TRP A 196 14.03 -14.42 6.33
N ALA A 197 14.78 -15.51 6.48
CA ALA A 197 15.16 -16.39 5.38
C ALA A 197 14.02 -17.32 5.02
N LEU A 198 13.66 -17.38 3.74
CA LEU A 198 12.71 -18.40 3.32
C LEU A 198 13.41 -19.74 3.38
N PRO A 199 12.73 -20.77 3.85
CA PRO A 199 13.22 -22.16 3.59
C PRO A 199 13.29 -22.41 2.07
N ALA A 200 14.12 -23.34 1.64
CA ALA A 200 14.31 -23.59 0.22
C ALA A 200 13.05 -24.14 -0.45
N GLU A 201 12.30 -24.97 0.27
N GLU A 201 12.30 -24.96 0.27
CA GLU A 201 11.07 -25.52 -0.28
CA GLU A 201 11.06 -25.53 -0.24
C GLU A 201 10.09 -24.40 -0.65
C GLU A 201 10.06 -24.41 -0.62
N VAL A 202 10.06 -23.35 0.18
CA VAL A 202 9.16 -22.22 -0.04
C VAL A 202 9.57 -21.40 -1.26
N ALA A 203 10.81 -20.91 -1.27
CA ALA A 203 11.33 -20.15 -2.42
C ALA A 203 11.03 -20.85 -3.73
N GLN A 204 11.35 -22.12 -3.81
CA GLN A 204 11.12 -22.89 -5.01
C GLN A 204 9.63 -23.00 -5.32
N SER A 205 8.84 -23.17 -4.26
CA SER A 205 7.44 -23.41 -4.44
C SER A 205 6.74 -22.16 -5.00
N ILE A 206 7.15 -20.98 -4.54
CA ILE A 206 6.49 -19.77 -4.95
C ILE A 206 7.08 -19.23 -6.24
N GLY A 207 8.07 -19.94 -6.80
CA GLY A 207 8.51 -19.67 -8.16
C GLY A 207 9.74 -18.79 -8.30
N LEU A 208 10.47 -18.55 -7.22
CA LEU A 208 11.74 -17.86 -7.31
C LEU A 208 12.85 -18.92 -7.35
N THR A 209 14.11 -18.51 -7.48
CA THR A 209 15.25 -19.43 -7.48
C THR A 209 16.31 -18.94 -6.53
N GLY A 210 17.08 -19.89 -5.97
CA GLY A 210 18.20 -19.59 -5.07
C GLY A 210 17.77 -19.04 -3.73
N ARG A 211 18.56 -18.13 -3.18
CA ARG A 211 18.37 -17.64 -1.82
C ARG A 211 17.48 -16.39 -1.70
N VAL A 212 16.38 -16.54 -0.97
CA VAL A 212 15.39 -15.48 -0.83
C VAL A 212 15.09 -15.11 0.61
N MSE A 213 15.03 -13.81 0.88
CA MSE A 213 14.68 -13.35 2.22
C MSE A 213 13.56 -12.35 2.17
O MSE A 213 13.30 -11.73 1.14
CB MSE A 213 15.89 -12.68 2.86
CG MSE A 213 15.97 -11.19 2.59
SE MSE A 213 17.53 -10.37 3.43
CE MSE A 213 16.48 -9.14 4.51
N VAL A 214 12.90 -12.17 3.31
CA VAL A 214 11.96 -11.07 3.52
C VAL A 214 12.64 -9.95 4.30
N TRP A 215 12.71 -8.79 3.69
CA TRP A 215 13.39 -7.66 4.30
C TRP A 215 12.39 -6.64 4.81
N PHE A 216 12.55 -6.19 6.05
CA PHE A 216 11.65 -5.18 6.63
C PHE A 216 12.37 -3.87 6.90
N PRO A 217 12.87 -3.22 5.87
CA PRO A 217 13.72 -2.03 6.05
C PRO A 217 13.01 -0.75 6.44
N ARG A 218 13.71 0.09 7.19
N ARG A 218 13.70 0.08 7.20
CA ARG A 218 13.26 1.45 7.39
CA ARG A 218 13.27 1.45 7.40
C ARG A 218 13.99 2.35 6.39
C ARG A 218 14.00 2.30 6.35
N LEU A 219 13.24 2.92 5.45
CA LEU A 219 13.87 3.59 4.29
C LEU A 219 14.13 5.07 4.53
N TYR A 220 14.63 5.38 5.71
CA TYR A 220 15.15 6.70 6.02
C TYR A 220 16.40 6.43 6.82
N GLU A 221 16.97 7.47 7.44
CA GLU A 221 18.15 7.27 8.25
C GLU A 221 17.77 6.90 9.68
N ALA A 222 18.19 5.74 10.12
CA ALA A 222 17.87 5.27 11.45
C ALA A 222 18.93 4.28 11.91
N GLY A 223 19.23 4.30 13.20
CA GLY A 223 20.31 3.46 13.72
C GLY A 223 21.58 3.68 12.92
N GLU A 224 22.24 2.59 12.55
CA GLU A 224 23.44 2.71 11.76
C GLU A 224 23.18 2.38 10.30
N TRP A 225 22.02 2.79 9.80
CA TRP A 225 21.76 2.73 8.37
C TRP A 225 21.19 4.04 7.87
N LYS A 226 21.75 4.54 6.78
CA LYS A 226 21.14 5.65 6.05
C LYS A 226 20.58 5.00 4.81
N ASN A 227 19.28 4.73 4.83
CA ASN A 227 18.59 4.08 3.69
C ASN A 227 17.64 5.05 3.01
N ALA A 228 17.34 4.77 1.74
CA ALA A 228 16.44 5.59 0.95
C ALA A 228 15.76 4.78 -0.13
N LEU A 229 14.56 5.21 -0.47
CA LEU A 229 13.81 4.69 -1.60
C LEU A 229 13.82 5.77 -2.69
N SER A 230 13.93 5.33 -3.95
CA SER A 230 13.98 6.23 -5.07
C SER A 230 12.62 6.90 -5.31
N ALA A 231 12.65 8.02 -6.01
CA ALA A 231 11.46 8.81 -6.30
C ALA A 231 10.36 8.01 -7.00
N ASP A 232 10.78 7.08 -7.86
CA ASP A 232 9.84 6.26 -8.59
C ASP A 232 9.52 4.98 -7.85
N GLY A 233 10.22 4.74 -6.74
CA GLY A 233 10.00 3.53 -5.92
C GLY A 233 10.58 2.25 -6.51
N ASN A 234 11.64 2.33 -7.31
CA ASN A 234 12.17 1.13 -7.95
C ASN A 234 13.57 0.79 -7.46
N LYS A 235 14.21 1.71 -6.74
CA LYS A 235 15.54 1.49 -6.24
C LYS A 235 15.61 1.75 -4.76
N ILE A 236 16.33 0.90 -4.05
CA ILE A 236 16.63 1.13 -2.66
C ILE A 236 18.13 1.29 -2.49
N THR A 237 18.55 2.32 -1.75
CA THR A 237 19.96 2.46 -1.44
C THR A 237 20.20 2.26 0.06
N GLU A 238 21.24 1.49 0.39
CA GLU A 238 21.51 1.16 1.77
C GLU A 238 22.92 1.58 2.14
N GLN A 239 23.01 2.52 3.08
CA GLN A 239 24.30 3.00 3.50
C GLN A 239 24.58 2.56 4.94
N SER A 240 25.63 1.76 5.10
CA SER A 240 26.10 1.36 6.41
C SER A 240 26.84 2.53 7.05
N LEU A 241 26.53 2.78 8.33
CA LEU A 241 27.13 3.88 9.09
C LEU A 241 28.16 3.35 10.10
N ASN A 242 28.33 2.04 10.10
CA ASN A 242 29.25 1.38 11.01
C ASN A 242 30.08 0.36 10.23
N ALA A 243 31.40 0.44 10.38
CA ALA A 243 32.31 -0.42 9.62
C ALA A 243 32.09 -1.91 9.88
N THR A 244 31.97 -2.30 11.14
CA THR A 244 31.71 -3.70 11.48
C THR A 244 30.47 -4.20 10.75
N ARG A 245 29.57 -3.30 10.40
CA ARG A 245 28.30 -3.65 9.74
C ARG A 245 28.43 -3.94 8.25
N ASN A 246 29.51 -3.51 7.62
CA ASN A 246 29.63 -3.70 6.18
C ASN A 246 29.64 -5.20 5.86
N TYR A 247 28.98 -5.59 4.78
CA TYR A 247 28.82 -7.00 4.44
C TYR A 247 28.74 -7.16 2.94
N GLN A 248 28.84 -8.40 2.50
CA GLN A 248 28.69 -8.71 1.09
C GLN A 248 27.30 -9.28 0.91
N GLU A 249 26.58 -8.86 -0.12
CA GLU A 249 25.22 -9.35 -0.30
C GLU A 249 25.28 -10.77 -0.78
N THR A 250 24.51 -11.63 -0.16
CA THR A 250 24.48 -13.04 -0.53
C THR A 250 23.06 -13.52 -0.87
N TRP A 251 22.07 -12.62 -0.93
CA TRP A 251 20.72 -13.03 -1.28
C TRP A 251 20.48 -12.80 -2.75
N ASP A 252 19.83 -13.76 -3.40
CA ASP A 252 19.44 -13.60 -4.81
C ASP A 252 18.24 -12.70 -4.98
N TYR A 253 17.34 -12.72 -4.00
CA TYR A 253 16.11 -11.89 -3.99
C TYR A 253 15.76 -11.47 -2.56
N ARG A 254 15.30 -10.23 -2.40
CA ARG A 254 14.71 -9.76 -1.16
C ARG A 254 13.25 -9.38 -1.40
N ILE A 255 12.33 -10.00 -0.66
CA ILE A 255 10.94 -9.61 -0.72
C ILE A 255 10.72 -8.44 0.23
N VAL A 256 10.44 -7.25 -0.29
CA VAL A 256 10.52 -6.06 0.53
C VAL A 256 9.17 -5.66 1.13
N MSE A 257 9.13 -5.66 2.46
CA MSE A 257 8.02 -5.21 3.24
C MSE A 257 8.47 -3.99 4.02
O MSE A 257 8.88 -4.13 5.17
CB MSE A 257 7.66 -6.30 4.23
CG MSE A 257 7.30 -7.61 3.58
SE MSE A 257 5.53 -7.43 2.79
CE MSE A 257 5.49 -9.20 1.99
N ALA A 258 8.41 -2.81 3.41
CA ALA A 258 8.99 -1.62 4.04
C ALA A 258 8.17 -1.04 5.19
N HIS A 259 8.85 -0.43 6.17
N HIS A 259 8.87 -0.44 6.15
CA HIS A 259 8.17 0.18 7.30
CA HIS A 259 8.23 0.28 7.24
C HIS A 259 7.48 1.45 6.83
C HIS A 259 7.43 1.42 6.68
N SER A 260 6.20 1.56 7.13
CA SER A 260 5.46 2.73 6.80
C SER A 260 4.63 3.06 8.03
N ARG A 261 4.03 4.24 8.02
CA ARG A 261 3.24 4.70 9.14
C ARG A 261 1.96 5.32 8.63
N ASP A 262 0.89 5.11 9.37
CA ASP A 262 -0.39 5.67 8.98
C ASP A 262 -0.53 7.03 9.63
N GLU A 263 -1.70 7.63 9.47
CA GLU A 263 -1.94 9.02 9.89
C GLU A 263 -1.81 9.17 11.39
N LEU A 264 -2.11 8.10 12.11
CA LEU A 264 -2.09 8.14 13.54
C LEU A 264 -0.76 7.60 13.96
N ASN A 265 0.14 7.50 12.99
CA ASN A 265 1.51 7.10 13.24
C ASN A 265 1.74 5.70 13.73
N ARG A 266 0.82 4.80 13.43
CA ARG A 266 1.03 3.42 13.76
C ARG A 266 1.77 2.77 12.63
N THR A 267 2.63 1.83 12.99
CA THR A 267 3.49 1.12 12.04
C THR A 267 2.75 0.07 11.22
N LEU A 268 2.99 0.11 9.91
CA LEU A 268 2.45 -0.89 8.97
C LEU A 268 3.62 -1.33 8.14
N TYR A 269 3.52 -2.49 7.49
CA TYR A 269 4.58 -2.90 6.58
C TYR A 269 4.02 -3.00 5.18
N ARG A 270 4.66 -2.32 4.25
CA ARG A 270 4.12 -2.23 2.90
C ARG A 270 4.93 -3.01 1.88
N PHE A 271 4.28 -3.94 1.21
CA PHE A 271 4.95 -4.69 0.15
C PHE A 271 5.35 -3.76 -0.98
N LEU A 272 6.65 -3.67 -1.23
CA LEU A 272 7.20 -2.81 -2.31
C LEU A 272 7.58 -3.60 -3.57
N GLY A 273 7.70 -4.92 -3.42
CA GLY A 273 7.98 -5.77 -4.55
C GLY A 273 9.16 -6.68 -4.25
N VAL A 274 9.67 -7.36 -5.27
CA VAL A 274 10.82 -8.23 -5.08
C VAL A 274 12.05 -7.58 -5.65
N PHE A 275 13.08 -7.39 -4.84
CA PHE A 275 14.28 -6.69 -5.27
C PHE A 275 15.50 -7.61 -5.35
N ALA A 276 16.53 -7.11 -6.02
CA ALA A 276 17.81 -7.79 -6.07
C ALA A 276 18.93 -6.78 -6.16
N ILE A 277 20.12 -7.16 -5.69
CA ILE A 277 21.23 -6.21 -5.63
C ILE A 277 21.75 -5.87 -7.02
N ASP A 278 22.06 -4.60 -7.22
CA ASP A 278 22.74 -4.17 -8.43
C ASP A 278 24.26 -4.12 -8.18
N VAL A 279 24.92 -5.22 -8.51
CA VAL A 279 26.33 -5.41 -8.18
C VAL A 279 27.27 -4.26 -8.59
N ASP A 280 27.14 -3.78 -9.82
CA ASP A 280 28.06 -2.77 -10.36
C ASP A 280 27.80 -1.37 -9.81
N LYS A 281 26.60 -1.15 -9.28
CA LYS A 281 26.23 0.11 -8.64
C LYS A 281 26.54 0.13 -7.15
N SER A 282 27.03 -0.99 -6.61
CA SER A 282 27.19 -1.10 -5.16
C SER A 282 28.65 -1.17 -4.73
N SER A 283 28.86 -1.03 -3.43
CA SER A 283 30.16 -1.20 -2.80
C SER A 283 29.96 -1.95 -1.46
N ASP A 284 31.03 -2.05 -0.68
CA ASP A 284 30.94 -2.72 0.63
C ASP A 284 30.26 -1.82 1.64
N GLU A 285 30.22 -0.51 1.34
CA GLU A 285 29.56 0.47 2.19
C GLU A 285 28.12 0.85 1.74
N VAL A 286 27.94 1.08 0.44
CA VAL A 286 26.62 1.45 -0.10
C VAL A 286 26.07 0.47 -1.14
N LYS A 287 24.89 -0.09 -0.87
CA LYS A 287 24.30 -1.06 -1.78
C LYS A 287 23.02 -0.54 -2.44
N VAL A 288 22.87 -0.83 -3.72
CA VAL A 288 21.68 -0.44 -4.47
C VAL A 288 20.94 -1.70 -4.90
N PHE A 289 19.68 -1.78 -4.53
CA PHE A 289 18.84 -2.90 -4.88
C PHE A 289 17.80 -2.38 -5.83
N SER A 290 17.63 -3.06 -6.95
CA SER A 290 16.68 -2.66 -7.96
C SER A 290 15.47 -3.57 -7.93
N ARG A 291 14.30 -3.03 -8.22
CA ARG A 291 13.11 -3.85 -8.18
C ARG A 291 13.06 -4.76 -9.38
N VAL A 292 12.75 -6.02 -9.13
CA VAL A 292 12.66 -7.02 -10.19
C VAL A 292 11.22 -7.45 -10.48
N TYR A 293 10.37 -7.58 -9.45
CA TYR A 293 8.97 -7.94 -9.65
C TYR A 293 8.12 -7.11 -8.70
N SER A 294 6.90 -6.76 -9.10
CA SER A 294 5.95 -6.03 -8.22
C SER A 294 4.92 -7.00 -7.71
N ARG A 295 5.21 -8.28 -7.87
CA ARG A 295 4.25 -9.30 -7.50
C ARG A 295 5.00 -10.59 -7.10
N VAL A 296 4.36 -11.42 -6.28
CA VAL A 296 5.02 -12.61 -5.77
C VAL A 296 3.95 -13.59 -5.30
N ASN A 297 4.13 -14.87 -5.64
CA ASN A 297 3.26 -15.92 -5.12
C ASN A 297 3.35 -16.05 -3.59
N VAL A 298 2.30 -16.61 -3.03
CA VAL A 298 2.14 -16.82 -1.62
C VAL A 298 2.27 -18.32 -1.38
N TYR A 299 3.01 -18.72 -0.36
CA TYR A 299 3.24 -20.12 -0.10
C TYR A 299 1.97 -20.81 0.31
N ARG A 300 1.68 -21.91 -0.38
CA ARG A 300 0.38 -22.57 -0.26
C ARG A 300 -0.73 -21.52 -0.15
N1 EPE B . 6.04 -7.21 18.58
C2 EPE B . 4.68 -6.88 18.11
C3 EPE B . 3.67 -7.47 19.04
N4 EPE B . 3.94 -7.04 20.40
C5 EPE B . 5.07 -6.13 20.60
C6 EPE B . 6.30 -6.32 19.72
C7 EPE B . 2.68 -6.48 20.89
C8 EPE B . 2.83 -5.13 21.62
O8 EPE B . 1.74 -5.01 22.54
C9 EPE B . 7.01 -7.07 17.45
C10 EPE B . 6.53 -6.09 16.38
S EPE B . 7.01 -6.27 14.62
O1S EPE B . 6.33 -7.39 13.92
O2S EPE B . 6.63 -4.99 14.04
O3S EPE B . 8.46 -6.39 14.42
#